data_7ZSE
#
_entry.id   7ZSE
#
_cell.length_a   115.390
_cell.length_b   115.390
_cell.length_c   234.340
_cell.angle_alpha   90.000
_cell.angle_beta   90.000
_cell.angle_gamma   120.000
#
_symmetry.space_group_name_H-M   'P 63 2 2'
#
loop_
_entity.id
_entity.type
_entity.pdbx_description
1 polymer 'Molybdenum storage protein subunit alpha'
2 polymer 'Molybdenum storage protein subunit beta'
3 non-polymer 'MAGNESIUM ION'
4 non-polymer "ADENOSINE-5'-TRIPHOSPHATE"
5 non-polymer 'UNKNOWN LIGAND'
6 non-polymer 'PHOSPHATE ION'
7 water water
#
loop_
_entity_poly.entity_id
_entity_poly.type
_entity_poly.pdbx_seq_one_letter_code
_entity_poly.pdbx_strand_id
1 'polypeptide(L)'
;TDTTNSIKHVISPLARQTLQDRDLTRPVAGKRPIRLLPWLQVVKIGGRVMDRGADAILPLVEELRKLLPEHRLLILTGAG
VRARHVFSVGLDLGLPVGSLAPLAASEAGQNGHILAAMLASEGVSYVEHPTVADQLAIHLSATRAVVGSAFPPYHHHEFP
GSRIPPHRADTGAFLLADAFGAAGLTIVENVDGIYTADPNGPDRGQARFLPETSATDLAKSEGPLPVDRALLDVMATARH
IERVQVVNGLVPGRLTAALRGEHVGTLIRTGVRPA
;
A
2 'polypeptide(L)'
;ANSTAELEELLMQRSLTDPQLQAAAAAAADFRILPDATVIKIGGQSVIDRGRAAVYPLVDEIVAARKNHKLLIGTGAGTR
ARHLYSIAAGLGLPAGVLAQLGSSVADQNAAMLGQLLAKHGIPVVGGAGLSAVPLSLAEVNAVVFSGMPPYKLWMRPAAE
GVIPPYRTDAGCFLLAEQFGCKQMIFVKDEDGLYTANPKTSKDATFIPRISVDEMKAKGLHDSILEFPVLDLLQSAQHVR
EVQVVNGLVPGNLTRALAGEHVGTIITAS
;
B
#
loop_
_chem_comp.id
_chem_comp.type
_chem_comp.name
_chem_comp.formula
ATP non-polymer ADENOSINE-5'-TRIPHOSPHATE 'C10 H16 N5 O13 P3'
MG non-polymer 'MAGNESIUM ION' 'Mg 2'
PO4 non-polymer 'PHOSPHATE ION' 'O4 P -3'
UNL non-polymer 'UNKNOWN LIGAND' ?
#
# COMPACT_ATOMS: atom_id res chain seq x y z
N GLY A 30 25.03 3.54 4.91
CA GLY A 30 23.66 3.09 4.98
C GLY A 30 22.92 3.48 6.25
N LYS A 31 23.59 3.30 7.38
CA LYS A 31 23.06 3.65 8.70
C LYS A 31 21.61 3.19 8.88
N ARG A 32 21.42 1.87 8.79
CA ARG A 32 20.09 1.25 8.85
C ARG A 32 19.29 1.67 10.08
N PRO A 33 17.96 1.71 9.99
CA PRO A 33 17.17 2.17 11.13
C PRO A 33 17.22 1.21 12.31
N ILE A 34 16.90 1.75 13.49
CA ILE A 34 16.85 0.92 14.71
C ILE A 34 15.79 -0.18 14.58
N ARG A 35 15.93 -1.21 15.43
CA ARG A 35 14.90 -2.23 15.59
C ARG A 35 13.95 -1.81 16.71
N LEU A 36 12.67 -1.61 16.37
CA LEU A 36 11.70 -1.17 17.38
C LEU A 36 11.40 -2.26 18.41
N LEU A 37 11.18 -3.49 17.94
CA LEU A 37 10.79 -4.62 18.79
C LEU A 37 11.67 -5.81 18.43
N PRO A 38 12.94 -5.77 18.86
CA PRO A 38 13.91 -6.76 18.38
C PRO A 38 13.64 -8.16 18.90
N TRP A 39 12.83 -8.28 19.95
CA TRP A 39 12.57 -9.56 20.57
C TRP A 39 11.31 -10.22 20.05
N LEU A 40 10.65 -9.61 19.07
CA LEU A 40 9.36 -10.10 18.57
C LEU A 40 9.55 -11.18 17.54
N GLN A 41 8.73 -12.23 17.60
CA GLN A 41 8.61 -13.20 16.52
C GLN A 41 7.26 -13.02 15.85
N VAL A 42 7.26 -12.92 14.52
CA VAL A 42 6.04 -12.75 13.74
C VAL A 42 5.74 -14.06 13.03
N VAL A 43 4.49 -14.50 13.11
CA VAL A 43 4.06 -15.76 12.48
C VAL A 43 2.85 -15.42 11.63
N LYS A 44 2.92 -15.71 10.33
CA LYS A 44 1.78 -15.51 9.43
C LYS A 44 1.14 -16.87 9.15
N ILE A 45 -0.16 -16.96 9.39
CA ILE A 45 -0.92 -18.19 9.19
C ILE A 45 -1.72 -18.04 7.90
N GLY A 46 -1.53 -18.94 6.96
CA GLY A 46 -2.22 -18.83 5.67
C GLY A 46 -3.72 -18.94 5.84
N GLY A 47 -4.45 -18.10 5.09
CA GLY A 47 -5.89 -18.23 5.08
C GLY A 47 -6.38 -19.60 4.64
N ARG A 48 -5.68 -20.26 3.72
CA ARG A 48 -6.07 -21.61 3.25
C ARG A 48 -5.83 -22.64 4.34
N VAL A 49 -4.91 -22.40 5.28
CA VAL A 49 -4.82 -23.28 6.44
C VAL A 49 -6.07 -23.14 7.30
N MET A 50 -6.47 -21.89 7.57
CA MET A 50 -7.68 -21.68 8.36
C MET A 50 -8.89 -22.28 7.67
N ASP A 51 -8.94 -22.21 6.34
CA ASP A 51 -10.08 -22.75 5.61
C ASP A 51 -10.31 -24.24 5.82
N ARG A 52 -9.29 -24.99 6.26
CA ARG A 52 -9.45 -26.41 6.53
C ARG A 52 -10.27 -26.68 7.77
N GLY A 53 -10.56 -25.66 8.56
CA GLY A 53 -11.40 -25.83 9.71
C GLY A 53 -10.68 -26.54 10.84
N ALA A 54 -11.49 -27.10 11.74
CA ALA A 54 -10.99 -27.68 12.98
C ALA A 54 -9.88 -28.70 12.74
N ASP A 55 -9.95 -29.46 11.65
CA ASP A 55 -8.95 -30.52 11.45
C ASP A 55 -7.54 -29.96 11.41
N ALA A 56 -7.37 -28.74 10.87
CA ALA A 56 -6.09 -28.05 10.85
C ALA A 56 -5.94 -27.06 12.00
N ILE A 57 -7.02 -26.38 12.38
CA ILE A 57 -6.92 -25.30 13.35
C ILE A 57 -6.65 -25.86 14.74
N LEU A 58 -7.27 -26.97 15.11
CA LEU A 58 -7.14 -27.42 16.48
C LEU A 58 -5.71 -27.85 16.79
N PRO A 59 -5.03 -28.60 15.91
CA PRO A 59 -3.60 -28.89 16.17
C PRO A 59 -2.73 -27.65 16.20
N LEU A 60 -3.00 -26.69 15.31
CA LEU A 60 -2.23 -25.44 15.29
C LEU A 60 -2.44 -24.65 16.57
N VAL A 61 -3.67 -24.61 17.08
CA VAL A 61 -3.96 -23.92 18.33
C VAL A 61 -3.20 -24.56 19.48
N GLU A 62 -3.18 -25.89 19.51
CA GLU A 62 -2.43 -26.58 20.55
C GLU A 62 -0.93 -26.30 20.45
N GLU A 63 -0.40 -26.26 19.23
CA GLU A 63 1.02 -25.90 19.06
C GLU A 63 1.29 -24.45 19.50
N LEU A 64 0.42 -23.53 19.11
CA LEU A 64 0.59 -22.13 19.51
C LEU A 64 0.53 -22.00 21.03
N ARG A 65 -0.38 -22.72 21.68
CA ARG A 65 -0.48 -22.68 23.14
C ARG A 65 0.86 -23.00 23.78
N LYS A 66 1.53 -24.04 23.28
CA LYS A 66 2.80 -24.48 23.83
C LYS A 66 3.93 -23.51 23.53
N LEU A 67 3.77 -22.67 22.50
CA LEU A 67 4.78 -21.69 22.12
C LEU A 67 4.67 -20.39 22.92
N LEU A 68 3.51 -20.11 23.51
CA LEU A 68 3.33 -18.85 24.22
C LEU A 68 4.38 -18.64 25.30
N PRO A 69 4.77 -19.63 26.09
CA PRO A 69 5.79 -19.34 27.11
C PRO A 69 7.21 -19.18 26.55
N GLU A 70 7.44 -19.54 25.29
CA GLU A 70 8.78 -19.56 24.71
C GLU A 70 9.10 -18.31 23.90
N HIS A 71 8.08 -17.68 23.32
CA HIS A 71 8.30 -16.58 22.40
C HIS A 71 7.27 -15.50 22.65
N ARG A 72 7.61 -14.28 22.23
CA ARG A 72 6.69 -13.15 22.22
C ARG A 72 6.14 -13.05 20.80
N LEU A 73 4.86 -13.37 20.59
CA LEU A 73 4.37 -13.62 19.24
C LEU A 73 3.36 -12.59 18.76
N LEU A 74 3.56 -12.12 17.53
CA LEU A 74 2.52 -11.44 16.74
C LEU A 74 2.07 -12.43 15.68
N ILE A 75 0.82 -12.87 15.77
CA ILE A 75 0.26 -13.91 14.92
C ILE A 75 -0.68 -13.20 13.95
N LEU A 76 -0.41 -13.32 12.66
CA LEU A 76 -1.14 -12.58 11.64
C LEU A 76 -1.78 -13.56 10.67
N THR A 77 -3.08 -13.39 10.42
CA THR A 77 -3.80 -14.32 9.56
C THR A 77 -4.01 -13.77 8.16
N GLY A 78 -3.88 -14.65 7.18
CA GLY A 78 -4.27 -14.36 5.80
C GLY A 78 -5.75 -14.63 5.56
N ALA A 79 -6.11 -14.57 4.28
CA ALA A 79 -7.50 -14.46 3.87
C ALA A 79 -8.12 -15.77 3.39
N GLY A 80 -7.50 -16.44 2.45
CA GLY A 80 -8.04 -17.70 1.99
C GLY A 80 -9.17 -17.58 0.99
N VAL A 81 -9.96 -18.66 0.93
CA VAL A 81 -10.90 -18.86 -0.17
C VAL A 81 -12.02 -17.84 -0.19
N ARG A 82 -12.42 -17.30 0.95
CA ARG A 82 -13.54 -16.35 0.92
C ARG A 82 -13.16 -15.09 0.15
N ALA A 83 -11.89 -14.70 0.21
CA ALA A 83 -11.44 -13.58 -0.62
C ALA A 83 -11.54 -13.90 -2.10
N ARG A 84 -11.33 -15.17 -2.48
CA ARG A 84 -11.53 -15.53 -3.88
C ARG A 84 -12.99 -15.32 -4.29
N HIS A 85 -13.91 -15.64 -3.38
CA HIS A 85 -15.32 -15.44 -3.69
C HIS A 85 -15.64 -13.95 -3.82
N VAL A 86 -15.15 -13.11 -2.91
CA VAL A 86 -15.46 -11.69 -3.01
C VAL A 86 -14.78 -11.08 -4.25
N PHE A 87 -13.63 -11.63 -4.66
CA PHE A 87 -13.06 -11.19 -5.93
C PHE A 87 -13.94 -11.59 -7.11
N SER A 88 -14.53 -12.79 -7.05
CA SER A 88 -15.38 -13.24 -8.14
C SER A 88 -16.56 -12.29 -8.30
N VAL A 89 -17.19 -11.91 -7.17
CA VAL A 89 -18.33 -11.00 -7.25
C VAL A 89 -17.89 -9.60 -7.66
N GLY A 90 -16.85 -9.08 -7.00
CA GLY A 90 -16.44 -7.71 -7.28
C GLY A 90 -15.92 -7.54 -8.69
N LEU A 91 -15.18 -8.52 -9.21
CA LEU A 91 -14.72 -8.43 -10.59
C LEU A 91 -15.89 -8.49 -11.54
N ASP A 92 -16.89 -9.33 -11.23
CA ASP A 92 -18.07 -9.38 -12.09
C ASP A 92 -18.80 -8.04 -12.09
N LEU A 93 -18.80 -7.34 -10.97
CA LEU A 93 -19.38 -6.00 -10.86
C LEU A 93 -18.48 -4.92 -11.43
N GLY A 94 -17.26 -5.28 -11.83
CA GLY A 94 -16.33 -4.37 -12.47
C GLY A 94 -15.49 -3.57 -11.53
N LEU A 95 -15.43 -3.93 -10.24
CA LEU A 95 -14.84 -3.04 -9.26
C LEU A 95 -13.32 -2.99 -9.42
N PRO A 96 -12.71 -1.83 -9.13
CA PRO A 96 -11.27 -1.68 -9.30
C PRO A 96 -10.48 -2.34 -8.16
N VAL A 97 -9.17 -2.39 -8.35
CA VAL A 97 -8.33 -3.14 -7.42
C VAL A 97 -8.34 -2.50 -6.03
N GLY A 98 -8.48 -1.18 -5.96
CA GLY A 98 -8.62 -0.52 -4.67
C GLY A 98 -9.92 -0.82 -3.96
N SER A 99 -10.94 -1.28 -4.67
CA SER A 99 -12.14 -1.76 -4.00
C SER A 99 -11.96 -3.19 -3.50
N LEU A 100 -11.24 -4.01 -4.26
CA LEU A 100 -11.10 -5.41 -3.88
C LEU A 100 -10.15 -5.57 -2.71
N ALA A 101 -9.21 -4.65 -2.55
CA ALA A 101 -8.23 -4.80 -1.48
C ALA A 101 -8.87 -4.87 -0.10
N PRO A 102 -9.67 -3.89 0.32
CA PRO A 102 -10.27 -4.00 1.66
C PRO A 102 -11.24 -5.14 1.78
N LEU A 103 -11.90 -5.53 0.69
CA LEU A 103 -12.84 -6.64 0.76
C LEU A 103 -12.12 -7.94 1.09
N ALA A 104 -10.92 -8.14 0.52
CA ALA A 104 -10.11 -9.29 0.88
C ALA A 104 -9.57 -9.17 2.29
N ALA A 105 -9.13 -7.96 2.68
CA ALA A 105 -8.54 -7.78 4.01
C ALA A 105 -9.55 -8.19 5.07
N SER A 106 -10.83 -7.92 4.83
CA SER A 106 -11.87 -8.30 5.79
C SER A 106 -11.83 -9.80 6.10
N GLU A 107 -11.55 -10.64 5.10
CA GLU A 107 -11.55 -12.08 5.33
C GLU A 107 -10.39 -12.49 6.21
N ALA A 108 -9.25 -11.82 6.05
CA ALA A 108 -8.10 -12.06 6.92
C ALA A 108 -8.42 -11.63 8.34
N GLY A 109 -9.15 -10.52 8.52
CA GLY A 109 -9.58 -10.12 9.85
C GLY A 109 -10.51 -11.15 10.49
N GLN A 110 -11.41 -11.74 9.71
CA GLN A 110 -12.30 -12.73 10.26
C GLN A 110 -11.53 -13.97 10.70
N ASN A 111 -10.57 -14.41 9.89
CA ASN A 111 -9.72 -15.51 10.29
C ASN A 111 -9.00 -15.18 11.59
N GLY A 112 -8.58 -13.93 11.75
CA GLY A 112 -7.90 -13.53 12.97
C GLY A 112 -8.81 -13.58 14.18
N HIS A 113 -10.06 -13.16 14.03
CA HIS A 113 -11.00 -13.23 15.14
C HIS A 113 -11.28 -14.68 15.54
N ILE A 114 -11.37 -15.58 14.57
CA ILE A 114 -11.58 -16.99 14.85
C ILE A 114 -10.41 -17.55 15.64
N LEU A 115 -9.21 -17.32 15.13
CA LEU A 115 -8.02 -17.89 15.79
C LEU A 115 -7.85 -17.33 17.20
N ALA A 116 -8.04 -16.02 17.37
CA ALA A 116 -7.90 -15.41 18.69
C ALA A 116 -8.90 -15.99 19.67
N ALA A 117 -10.14 -16.24 19.22
CA ALA A 117 -11.15 -16.79 20.11
C ALA A 117 -10.71 -18.14 20.67
N MET A 118 -10.04 -18.94 19.84
CA MET A 118 -9.56 -20.26 20.27
C MET A 118 -8.45 -20.13 21.30
N LEU A 119 -7.76 -18.99 21.35
CA LEU A 119 -6.67 -18.75 22.29
C LEU A 119 -7.06 -17.80 23.42
N ALA A 120 -8.33 -17.41 23.52
CA ALA A 120 -8.73 -16.41 24.49
C ALA A 120 -8.40 -16.88 25.90
N SER A 121 -8.60 -18.16 26.19
CA SER A 121 -8.39 -18.65 27.54
C SER A 121 -6.94 -18.55 27.96
N GLU A 122 -6.03 -18.33 27.00
CA GLU A 122 -4.63 -18.07 27.26
C GLU A 122 -4.29 -16.60 27.35
N GLY A 123 -5.27 -15.70 27.26
CA GLY A 123 -5.02 -14.29 27.32
C GLY A 123 -4.79 -13.62 25.99
N VAL A 124 -5.09 -14.31 24.88
CA VAL A 124 -4.83 -13.80 23.52
C VAL A 124 -6.10 -13.18 22.96
N SER A 125 -5.95 -11.99 22.37
CA SER A 125 -7.05 -11.32 21.67
C SER A 125 -6.58 -10.82 20.32
N TYR A 126 -7.56 -10.62 19.44
CA TYR A 126 -7.34 -9.91 18.18
C TYR A 126 -7.16 -8.43 18.46
N VAL A 127 -6.20 -7.82 17.79
CA VAL A 127 -5.96 -6.39 17.92
C VAL A 127 -6.07 -5.77 16.53
N GLU A 128 -6.67 -4.59 16.46
CA GLU A 128 -6.93 -3.95 15.17
C GLU A 128 -5.68 -3.26 14.62
N HIS A 129 -5.74 -2.96 13.33
CA HIS A 129 -4.55 -2.42 12.67
C HIS A 129 -4.00 -1.16 13.34
N PRO A 130 -4.80 -0.17 13.72
CA PRO A 130 -4.20 1.01 14.35
C PRO A 130 -3.48 0.68 15.63
N THR A 131 -4.00 -0.30 16.37
CA THR A 131 -3.37 -0.76 17.60
C THR A 131 -2.07 -1.50 17.33
N VAL A 132 -2.05 -2.36 16.32
CA VAL A 132 -0.80 -2.99 15.91
C VAL A 132 0.22 -1.94 15.56
N ALA A 133 -0.20 -0.89 14.86
CA ALA A 133 0.77 0.06 14.36
C ALA A 133 1.36 0.93 15.45
N ASP A 134 0.55 1.30 16.46
CA ASP A 134 0.97 2.29 17.44
C ASP A 134 1.06 1.79 18.88
N GLN A 135 0.45 0.65 19.23
CA GLN A 135 0.39 0.19 20.61
C GLN A 135 0.81 -1.28 20.77
N LEU A 136 1.55 -1.85 19.83
CA LEU A 136 1.87 -3.26 19.95
C LEU A 136 2.71 -3.52 21.20
N ALA A 137 3.63 -2.61 21.52
CA ALA A 137 4.55 -2.86 22.64
C ALA A 137 3.77 -3.04 23.95
N ILE A 138 2.79 -2.18 24.22
CA ILE A 138 2.02 -2.32 25.45
C ILE A 138 1.20 -3.60 25.43
N HIS A 139 0.63 -3.97 24.27
CA HIS A 139 -0.16 -5.19 24.22
C HIS A 139 0.69 -6.44 24.47
N LEU A 140 1.92 -6.46 23.96
CA LEU A 140 2.79 -7.62 24.21
C LEU A 140 3.43 -7.57 25.58
N SER A 141 3.31 -6.45 26.30
CA SER A 141 3.63 -6.40 27.72
C SER A 141 2.51 -6.99 28.55
N ALA A 142 1.26 -6.83 28.09
CA ALA A 142 0.09 -7.32 28.83
C ALA A 142 -0.08 -8.83 28.71
N THR A 143 0.31 -9.40 27.57
CA THR A 143 0.04 -10.80 27.30
C THR A 143 1.13 -11.33 26.37
N ARG A 144 1.19 -12.65 26.24
CA ARG A 144 2.29 -13.28 25.52
C ARG A 144 2.12 -13.24 24.00
N ALA A 145 0.88 -13.19 23.51
CA ALA A 145 0.70 -13.11 22.06
C ALA A 145 -0.55 -12.32 21.74
N VAL A 146 -0.57 -11.71 20.56
CA VAL A 146 -1.80 -11.13 20.03
C VAL A 146 -1.92 -11.60 18.59
N VAL A 147 -3.15 -11.50 18.09
CA VAL A 147 -3.48 -11.87 16.73
C VAL A 147 -3.92 -10.62 15.99
N GLY A 148 -3.51 -10.51 14.74
CA GLY A 148 -4.00 -9.41 13.91
C GLY A 148 -4.14 -9.87 12.47
N SER A 149 -4.69 -8.97 11.64
CA SER A 149 -4.76 -9.26 10.22
C SER A 149 -3.43 -9.06 9.52
N ALA A 150 -3.05 -10.04 8.68
CA ALA A 150 -1.81 -9.93 7.92
C ALA A 150 -1.91 -8.93 6.75
N PHE A 151 -3.10 -8.64 6.24
CA PHE A 151 -3.18 -7.70 5.14
C PHE A 151 -2.77 -6.32 5.63
N PRO A 152 -2.13 -5.53 4.78
CA PRO A 152 -1.80 -4.16 5.13
C PRO A 152 -2.98 -3.25 4.85
N PRO A 153 -3.11 -2.14 5.56
CA PRO A 153 -4.26 -1.24 5.35
C PRO A 153 -4.06 -0.30 4.17
N TYR A 154 -3.88 -0.87 2.98
CA TYR A 154 -3.75 -0.08 1.76
C TYR A 154 -5.09 0.47 1.29
N HIS A 155 -6.15 -0.31 1.49
CA HIS A 155 -7.53 0.16 1.26
C HIS A 155 -7.64 0.63 -0.18
N HIS A 156 -8.27 1.76 -0.43
CA HIS A 156 -8.47 2.23 -1.79
C HIS A 156 -7.22 2.84 -2.37
N HIS A 157 -6.13 2.90 -1.60
CA HIS A 157 -4.82 3.33 -2.10
C HIS A 157 -3.95 2.15 -2.52
N GLU A 158 -4.55 0.99 -2.76
CA GLU A 158 -3.81 -0.09 -3.39
C GLU A 158 -3.29 0.37 -4.75
N PHE A 159 -2.14 -0.21 -5.17
CA PHE A 159 -1.50 0.15 -6.42
C PHE A 159 -2.28 -0.43 -7.60
N PRO A 160 -2.35 0.29 -8.72
CA PRO A 160 -2.99 -0.24 -9.92
C PRO A 160 -1.99 -1.09 -10.71
N GLY A 161 -2.53 -1.81 -11.70
CA GLY A 161 -1.72 -2.62 -12.59
C GLY A 161 -2.37 -3.97 -12.82
N SER A 162 -2.52 -4.73 -11.76
CA SER A 162 -3.28 -5.96 -11.75
C SER A 162 -4.67 -5.68 -11.21
N ARG A 163 -5.65 -6.46 -11.65
CA ARG A 163 -6.99 -6.40 -11.09
C ARG A 163 -7.08 -7.16 -9.76
N ILE A 164 -6.05 -7.87 -9.38
CA ILE A 164 -5.97 -8.57 -8.11
C ILE A 164 -5.09 -7.76 -7.16
N PRO A 165 -5.55 -7.44 -5.96
CA PRO A 165 -4.71 -6.65 -5.03
C PRO A 165 -3.35 -7.27 -4.85
N PRO A 166 -2.26 -6.51 -5.09
CA PRO A 166 -0.91 -7.11 -4.97
C PRO A 166 -0.39 -7.23 -3.56
N HIS A 167 -0.71 -6.26 -2.70
CA HIS A 167 -0.14 -6.23 -1.35
C HIS A 167 -1.03 -7.01 -0.40
N ARG A 168 -0.80 -8.33 -0.33
CA ARG A 168 -1.68 -9.22 0.42
C ARG A 168 -1.05 -9.62 1.74
N ALA A 169 -1.42 -10.81 2.26
CA ALA A 169 -1.10 -11.18 3.64
C ALA A 169 0.40 -11.44 3.83
N ASP A 170 1.05 -12.15 2.92
CA ASP A 170 2.49 -12.35 3.07
C ASP A 170 3.22 -11.01 3.06
N THR A 171 2.82 -10.12 2.14
CA THR A 171 3.48 -8.83 2.02
C THR A 171 3.27 -7.97 3.25
N GLY A 172 2.02 -7.89 3.72
CA GLY A 172 1.75 -7.12 4.92
C GLY A 172 2.54 -7.61 6.13
N ALA A 173 2.56 -8.92 6.33
CA ALA A 173 3.27 -9.49 7.47
C ALA A 173 4.76 -9.19 7.38
N PHE A 174 5.33 -9.27 6.17
CA PHE A 174 6.75 -8.94 6.03
C PHE A 174 7.00 -7.45 6.27
N LEU A 175 6.17 -6.57 5.69
CA LEU A 175 6.39 -5.15 5.92
C LEU A 175 6.39 -4.85 7.42
N LEU A 176 5.45 -5.42 8.15
CA LEU A 176 5.37 -5.16 9.58
C LEU A 176 6.58 -5.75 10.32
N ALA A 177 6.91 -7.01 10.06
CA ALA A 177 8.05 -7.63 10.75
C ALA A 177 9.34 -6.88 10.50
N ASP A 178 9.58 -6.45 9.26
CA ASP A 178 10.80 -5.71 8.97
C ASP A 178 10.77 -4.31 9.56
N ALA A 179 9.61 -3.63 9.53
CA ALA A 179 9.53 -2.31 10.14
C ALA A 179 9.84 -2.36 11.62
N PHE A 180 9.35 -3.39 12.30
CA PHE A 180 9.61 -3.54 13.73
C PHE A 180 11.02 -4.05 14.00
N GLY A 181 11.73 -4.53 12.99
CA GLY A 181 13.02 -5.15 13.26
C GLY A 181 12.90 -6.43 14.04
N ALA A 182 11.83 -7.18 13.81
CA ALA A 182 11.56 -8.40 14.55
C ALA A 182 12.66 -9.44 14.35
N ALA A 183 12.71 -10.38 15.28
CA ALA A 183 13.68 -11.46 15.21
C ALA A 183 13.40 -12.42 14.08
N GLY A 184 12.16 -12.51 13.60
CA GLY A 184 11.88 -13.37 12.47
C GLY A 184 10.46 -13.20 11.99
N LEU A 185 10.24 -13.71 10.78
CA LEU A 185 8.92 -13.93 10.21
C LEU A 185 8.88 -15.36 9.69
N THR A 186 7.91 -16.14 10.15
CA THR A 186 7.66 -17.48 9.66
C THR A 186 6.29 -17.53 9.01
N ILE A 187 6.24 -18.10 7.81
CA ILE A 187 5.01 -18.20 7.02
C ILE A 187 4.54 -19.63 7.09
N VAL A 188 3.33 -19.83 7.58
CA VAL A 188 2.75 -21.15 7.82
C VAL A 188 1.76 -21.44 6.70
N GLU A 189 2.09 -22.42 5.87
CA GLU A 189 1.43 -22.73 4.60
C GLU A 189 0.73 -24.08 4.69
N ASN A 190 -0.06 -24.41 3.65
CA ASN A 190 -0.67 -25.73 3.53
C ASN A 190 0.15 -26.71 2.68
N VAL A 191 1.41 -26.36 2.40
CA VAL A 191 2.34 -27.18 1.64
C VAL A 191 3.68 -27.09 2.34
N ASP A 192 4.61 -27.97 1.93
CA ASP A 192 5.90 -28.06 2.61
C ASP A 192 6.77 -26.83 2.39
N GLY A 193 6.50 -26.06 1.36
CA GLY A 193 7.29 -24.88 1.05
C GLY A 193 7.05 -24.50 -0.40
N ILE A 194 8.10 -23.96 -1.02
CA ILE A 194 8.05 -23.55 -2.41
C ILE A 194 8.57 -24.65 -3.30
N TYR A 195 7.82 -24.99 -4.35
CA TYR A 195 8.22 -25.92 -5.38
C TYR A 195 8.51 -25.18 -6.68
N THR A 196 9.08 -25.89 -7.65
CA THR A 196 9.31 -25.35 -8.99
C THR A 196 8.04 -25.26 -9.83
N ALA A 197 6.93 -25.82 -9.35
CA ALA A 197 5.62 -25.65 -9.98
C ALA A 197 4.59 -25.85 -8.87
N ASP A 198 3.35 -25.51 -9.16
CA ASP A 198 2.29 -25.66 -8.17
C ASP A 198 2.14 -27.14 -7.85
N PRO A 199 2.43 -27.58 -6.62
CA PRO A 199 2.35 -29.04 -6.34
C PRO A 199 0.92 -29.56 -6.30
N ASN A 200 -0.09 -28.69 -6.38
CA ASN A 200 -1.47 -29.10 -6.49
C ASN A 200 -2.06 -28.74 -7.86
N GLY A 201 -1.23 -28.29 -8.80
CA GLY A 201 -1.70 -27.78 -10.07
C GLY A 201 -1.53 -28.75 -11.23
N PRO A 202 -1.74 -28.25 -12.45
CA PRO A 202 -1.70 -29.15 -13.62
C PRO A 202 -0.31 -29.68 -13.93
N ASP A 203 0.75 -28.97 -13.56
CA ASP A 203 2.11 -29.46 -13.75
C ASP A 203 2.68 -30.09 -12.49
N ARG A 204 1.85 -30.86 -11.76
CA ARG A 204 2.19 -31.28 -10.40
C ARG A 204 3.28 -32.36 -10.37
N GLY A 205 3.42 -33.17 -11.42
CA GLY A 205 4.52 -34.14 -11.45
C GLY A 205 5.87 -33.54 -11.74
N GLN A 206 5.87 -32.34 -12.34
CA GLN A 206 7.06 -31.56 -12.59
C GLN A 206 7.59 -30.85 -11.34
N ALA A 207 6.81 -30.78 -10.27
CA ALA A 207 7.12 -29.86 -9.19
C ALA A 207 8.18 -30.44 -8.25
N ARG A 208 9.32 -29.75 -8.15
CA ARG A 208 10.42 -30.16 -7.27
C ARG A 208 10.53 -29.19 -6.10
N PHE A 209 10.73 -29.74 -4.90
CA PHE A 209 10.81 -28.93 -3.70
C PHE A 209 12.11 -28.13 -3.68
N LEU A 210 12.01 -26.87 -3.22
CA LEU A 210 13.15 -25.97 -3.07
C LEU A 210 13.44 -25.76 -1.60
N PRO A 211 14.48 -26.39 -1.03
CA PRO A 211 14.78 -26.16 0.39
C PRO A 211 15.21 -24.73 0.68
N GLU A 212 15.91 -24.08 -0.25
CA GLU A 212 16.42 -22.74 -0.03
C GLU A 212 16.34 -21.98 -1.34
N THR A 213 16.03 -20.68 -1.26
CA THR A 213 16.10 -19.85 -2.44
C THR A 213 16.31 -18.41 -1.99
N SER A 214 16.70 -17.57 -2.92
CA SER A 214 16.74 -16.15 -2.67
C SER A 214 15.49 -15.51 -3.27
N ALA A 215 15.09 -14.39 -2.68
CA ALA A 215 13.98 -13.64 -3.23
C ALA A 215 14.28 -13.18 -4.65
N THR A 216 15.53 -12.77 -4.91
CA THR A 216 15.86 -12.30 -6.26
C THR A 216 15.72 -13.43 -7.28
N ASP A 217 16.11 -14.64 -6.91
CA ASP A 217 15.93 -15.77 -7.83
C ASP A 217 14.45 -16.05 -8.07
N LEU A 218 13.65 -16.02 -7.01
CA LEU A 218 12.22 -16.25 -7.18
C LEU A 218 11.60 -15.18 -8.07
N ALA A 219 12.02 -13.93 -7.89
CA ALA A 219 11.39 -12.83 -8.62
C ALA A 219 11.65 -12.95 -10.11
N LYS A 220 12.72 -13.64 -10.51
CA LYS A 220 13.06 -13.77 -11.91
C LYS A 220 12.38 -14.97 -12.56
N SER A 221 11.74 -15.82 -11.77
CA SER A 221 10.96 -16.92 -12.28
C SER A 221 9.57 -16.41 -12.63
N GLU A 222 9.04 -16.89 -13.74
CA GLU A 222 7.61 -16.76 -14.03
C GLU A 222 6.93 -18.05 -13.60
N GLY A 223 5.72 -17.92 -13.10
CA GLY A 223 4.99 -19.06 -12.62
C GLY A 223 4.47 -18.80 -11.23
N PRO A 224 3.53 -19.62 -10.77
CA PRO A 224 2.92 -19.37 -9.46
C PRO A 224 3.83 -19.74 -8.30
N LEU A 225 3.55 -19.11 -7.17
CA LEU A 225 4.25 -19.31 -5.92
C LEU A 225 3.23 -19.40 -4.80
N PRO A 226 3.61 -19.95 -3.65
CA PRO A 226 2.71 -19.90 -2.48
C PRO A 226 2.80 -18.60 -1.70
N VAL A 227 3.62 -17.66 -2.15
CA VAL A 227 3.73 -16.35 -1.51
C VAL A 227 3.52 -15.26 -2.54
N ASP A 228 3.01 -14.12 -2.06
CA ASP A 228 2.76 -12.98 -2.93
C ASP A 228 4.01 -12.62 -3.73
N ARG A 229 3.83 -12.25 -5.00
CA ARG A 229 4.99 -11.72 -5.73
C ARG A 229 5.49 -10.43 -5.10
N ALA A 230 4.56 -9.61 -4.56
CA ALA A 230 4.99 -8.37 -3.89
C ALA A 230 5.89 -8.64 -2.68
N LEU A 231 5.80 -9.82 -2.06
CA LEU A 231 6.69 -10.15 -0.95
C LEU A 231 8.14 -10.06 -1.43
N LEU A 232 8.42 -10.53 -2.63
CA LEU A 232 9.78 -10.50 -3.13
C LEU A 232 10.26 -9.07 -3.30
N ASP A 233 9.36 -8.16 -3.69
CA ASP A 233 9.75 -6.76 -3.87
C ASP A 233 10.07 -6.10 -2.53
N VAL A 234 9.22 -6.29 -1.52
CA VAL A 234 9.52 -5.70 -0.21
C VAL A 234 10.75 -6.36 0.42
N MET A 235 11.04 -7.62 0.08
CA MET A 235 12.28 -8.20 0.57
C MET A 235 13.50 -7.48 0.00
N ALA A 236 13.40 -6.95 -1.21
CA ALA A 236 14.54 -6.29 -1.82
C ALA A 236 14.88 -4.97 -1.14
N THR A 237 13.90 -4.30 -0.53
CA THR A 237 14.14 -3.05 0.18
C THR A 237 14.19 -3.24 1.71
N ALA A 238 14.19 -4.49 2.17
CA ALA A 238 14.18 -4.78 3.60
C ALA A 238 15.43 -4.26 4.28
N ARG A 239 15.29 -3.93 5.56
N ARG A 239 15.28 -3.94 5.56
CA ARG A 239 16.43 -3.41 6.31
CA ARG A 239 16.33 -3.37 6.38
C ARG A 239 16.91 -4.33 7.43
C ARG A 239 16.90 -4.34 7.39
N HIS A 240 16.12 -5.32 7.84
CA HIS A 240 16.52 -6.17 8.96
C HIS A 240 16.37 -7.66 8.73
N ILE A 241 15.20 -8.10 8.28
CA ILE A 241 14.93 -9.54 8.19
C ILE A 241 15.79 -10.14 7.10
N GLU A 242 16.62 -11.13 7.46
CA GLU A 242 17.57 -11.75 6.53
C GLU A 242 16.99 -12.99 5.84
N ARG A 243 16.03 -13.65 6.47
CA ARG A 243 15.48 -14.87 5.92
C ARG A 243 14.08 -15.05 6.47
N VAL A 244 13.23 -15.68 5.66
CA VAL A 244 11.87 -16.02 6.03
C VAL A 244 11.67 -17.47 5.66
N GLN A 245 11.15 -18.27 6.59
CA GLN A 245 10.91 -19.69 6.32
C GLN A 245 9.44 -19.94 6.08
N VAL A 246 9.14 -20.67 5.00
CA VAL A 246 7.78 -21.13 4.69
C VAL A 246 7.71 -22.59 5.13
N VAL A 247 6.79 -22.89 6.03
CA VAL A 247 6.69 -24.25 6.57
C VAL A 247 5.26 -24.75 6.51
N ASN A 248 5.10 -26.06 6.57
CA ASN A 248 3.79 -26.70 6.48
C ASN A 248 3.13 -26.73 7.85
N GLY A 249 2.12 -25.89 8.04
CA GLY A 249 1.34 -25.85 9.26
C GLY A 249 0.47 -27.06 9.48
N LEU A 250 0.33 -27.90 8.48
CA LEU A 250 -0.44 -29.13 8.62
C LEU A 250 0.37 -30.24 9.24
N VAL A 251 1.65 -30.01 9.49
CA VAL A 251 2.52 -31.00 10.13
C VAL A 251 2.86 -30.47 11.53
N PRO A 252 2.28 -31.03 12.59
CA PRO A 252 2.61 -30.56 13.94
C PRO A 252 4.11 -30.58 14.19
N GLY A 253 4.58 -29.52 14.82
CA GLY A 253 5.95 -29.40 15.20
C GLY A 253 6.79 -28.56 14.26
N ARG A 254 6.33 -28.37 13.02
CA ARG A 254 7.15 -27.60 12.07
C ARG A 254 7.24 -26.14 12.45
N LEU A 255 6.12 -25.53 12.88
CA LEU A 255 6.19 -24.15 13.33
C LEU A 255 7.13 -24.00 14.52
N THR A 256 7.03 -24.91 15.48
CA THR A 256 7.90 -24.84 16.66
C THR A 256 9.38 -24.91 16.25
N ALA A 257 9.71 -25.84 15.35
CA ALA A 257 11.07 -25.98 14.89
C ALA A 257 11.54 -24.74 14.14
N ALA A 258 10.68 -24.20 13.26
CA ALA A 258 11.04 -23.02 12.50
C ALA A 258 11.33 -21.85 13.42
N LEU A 259 10.58 -21.70 14.51
CA LEU A 259 10.79 -20.58 15.41
C LEU A 259 12.11 -20.71 16.17
N ARG A 260 12.70 -21.90 16.20
CA ARG A 260 14.02 -22.12 16.75
C ARG A 260 15.10 -22.13 15.67
N GLY A 261 14.76 -21.74 14.45
CA GLY A 261 15.73 -21.70 13.39
C GLY A 261 16.01 -23.00 12.68
N GLU A 262 15.30 -24.08 13.01
CA GLU A 262 15.53 -25.34 12.33
C GLU A 262 14.94 -25.32 10.92
N HIS A 263 15.62 -26.00 9.99
CA HIS A 263 15.27 -25.95 8.56
C HIS A 263 14.31 -27.09 8.24
N VAL A 264 13.02 -26.76 8.19
CA VAL A 264 11.96 -27.75 8.02
C VAL A 264 11.03 -27.39 6.88
N GLY A 265 11.36 -26.34 6.14
CA GLY A 265 10.59 -25.92 4.97
C GLY A 265 11.50 -25.23 3.98
N THR A 266 10.98 -24.22 3.28
CA THR A 266 11.76 -23.45 2.34
C THR A 266 12.26 -22.16 3.00
N LEU A 267 13.57 -21.96 3.00
CA LEU A 267 14.13 -20.70 3.47
C LEU A 267 14.26 -19.74 2.30
N ILE A 268 13.74 -18.53 2.47
CA ILE A 268 13.86 -17.47 1.49
C ILE A 268 14.84 -16.44 2.02
N ARG A 269 15.97 -16.27 1.32
CA ARG A 269 16.93 -15.23 1.69
C ARG A 269 16.50 -13.91 1.08
N THR A 270 16.41 -12.87 1.92
CA THR A 270 15.89 -11.61 1.45
C THR A 270 16.95 -10.72 0.81
N GLY A 271 18.22 -11.02 0.99
CA GLY A 271 19.25 -10.11 0.54
C GLY A 271 19.68 -9.06 1.54
N VAL A 272 19.04 -8.96 2.70
CA VAL A 272 19.67 -8.21 3.79
C VAL A 272 20.92 -8.98 4.22
N ARG A 273 22.05 -8.32 4.20
CA ARG A 273 23.34 -8.89 4.57
C ARG A 273 23.57 -8.74 6.07
N PRO A 274 24.00 -9.78 6.78
CA PRO A 274 24.26 -9.63 8.21
C PRO A 274 25.59 -8.93 8.50
N ALA A 275 25.82 -8.68 9.78
CA ALA A 275 27.04 -8.00 10.22
C ALA A 275 28.26 -8.82 9.85
N ASN B 2 -11.49 -13.95 -21.99
CA ASN B 2 -11.59 -15.12 -21.12
C ASN B 2 -13.10 -15.37 -20.90
N SER B 3 -13.50 -15.99 -19.80
CA SER B 3 -14.91 -16.15 -19.51
C SER B 3 -15.13 -16.16 -18.00
N THR B 4 -16.34 -15.80 -17.58
CA THR B 4 -16.64 -15.76 -16.15
C THR B 4 -16.43 -17.12 -15.50
N ALA B 5 -16.86 -18.20 -16.17
CA ALA B 5 -16.69 -19.53 -15.62
C ALA B 5 -15.22 -19.90 -15.49
N GLU B 6 -14.41 -19.55 -16.48
CA GLU B 6 -12.97 -19.84 -16.40
C GLU B 6 -12.32 -19.03 -15.30
N LEU B 7 -12.75 -17.77 -15.14
CA LEU B 7 -12.19 -16.95 -14.08
C LEU B 7 -12.52 -17.51 -12.71
N GLU B 8 -13.77 -17.92 -12.50
CA GLU B 8 -14.17 -18.44 -11.20
C GLU B 8 -13.47 -19.75 -10.90
N GLU B 9 -13.29 -20.60 -11.92
CA GLU B 9 -12.53 -21.83 -11.79
C GLU B 9 -11.10 -21.54 -11.36
N LEU B 10 -10.45 -20.61 -12.04
CA LEU B 10 -9.09 -20.24 -11.69
C LEU B 10 -9.01 -19.65 -10.29
N LEU B 11 -9.97 -18.79 -9.94
CA LEU B 11 -9.95 -18.12 -8.64
C LEU B 11 -10.06 -19.14 -7.51
N MET B 12 -10.72 -20.26 -7.74
CA MET B 12 -10.84 -21.27 -6.70
C MET B 12 -9.63 -22.20 -6.67
N GLN B 13 -9.07 -22.53 -7.83
CA GLN B 13 -8.13 -23.63 -7.94
C GLN B 13 -6.66 -23.21 -8.03
N ARG B 14 -6.36 -21.93 -8.20
CA ARG B 14 -4.96 -21.51 -8.37
C ARG B 14 -4.58 -20.50 -7.30
N SER B 15 -3.27 -20.29 -7.15
CA SER B 15 -2.78 -19.17 -6.36
C SER B 15 -3.08 -17.87 -7.10
N LEU B 16 -3.33 -16.80 -6.33
CA LEU B 16 -3.49 -15.48 -6.94
C LEU B 16 -2.26 -15.06 -7.71
N THR B 17 -1.11 -15.69 -7.46
CA THR B 17 0.10 -15.38 -8.21
C THR B 17 0.11 -16.05 -9.58
N ASP B 18 -0.86 -16.89 -9.88
CA ASP B 18 -0.78 -17.68 -11.10
C ASP B 18 -1.00 -16.79 -12.31
N PRO B 19 -0.09 -16.78 -13.29
CA PRO B 19 -0.26 -15.86 -14.43
C PRO B 19 -1.56 -16.06 -15.17
N GLN B 20 -2.08 -17.28 -15.22
CA GLN B 20 -3.34 -17.54 -15.91
C GLN B 20 -4.52 -16.89 -15.19
N LEU B 21 -4.51 -16.93 -13.85
CA LEU B 21 -5.54 -16.23 -13.09
C LEU B 21 -5.40 -14.72 -13.23
N GLN B 22 -4.18 -14.21 -13.13
CA GLN B 22 -3.97 -12.79 -13.31
C GLN B 22 -4.50 -12.30 -14.66
N ALA B 23 -4.24 -13.06 -15.73
CA ALA B 23 -4.69 -12.65 -17.05
C ALA B 23 -6.22 -12.70 -17.17
N ALA B 24 -6.86 -13.70 -16.56
CA ALA B 24 -8.32 -13.77 -16.60
C ALA B 24 -8.96 -12.61 -15.83
N ALA B 25 -8.40 -12.27 -14.67
CA ALA B 25 -8.92 -11.11 -13.93
C ALA B 25 -8.75 -9.82 -14.72
N ALA B 26 -7.68 -9.72 -15.52
CA ALA B 26 -7.46 -8.51 -16.31
C ALA B 26 -8.54 -8.29 -17.35
N ALA B 27 -9.29 -9.34 -17.71
CA ALA B 27 -10.33 -9.22 -18.71
C ALA B 27 -11.65 -8.76 -18.12
N ALA B 28 -11.71 -8.58 -16.80
CA ALA B 28 -12.94 -8.17 -16.14
C ALA B 28 -13.38 -6.78 -16.61
N ALA B 29 -14.68 -6.54 -16.53
CA ALA B 29 -15.23 -5.22 -16.84
C ALA B 29 -14.64 -4.16 -15.91
N ASP B 30 -14.73 -2.89 -16.34
CA ASP B 30 -14.07 -1.77 -15.68
C ASP B 30 -15.09 -0.69 -15.30
N PHE B 31 -15.46 -0.67 -14.03
CA PHE B 31 -16.40 0.32 -13.51
C PHE B 31 -15.64 1.51 -12.94
N ARG B 32 -16.07 2.72 -13.32
CA ARG B 32 -15.55 3.95 -12.75
C ARG B 32 -16.53 4.44 -11.69
N ILE B 33 -16.04 4.62 -10.47
CA ILE B 33 -16.90 4.93 -9.34
C ILE B 33 -17.37 6.38 -9.39
N LEU B 34 -16.45 7.31 -9.65
CA LEU B 34 -16.75 8.74 -9.70
C LEU B 34 -16.22 9.33 -11.00
N PRO B 35 -16.79 8.93 -12.12
CA PRO B 35 -16.18 9.28 -13.42
C PRO B 35 -16.19 10.77 -13.75
N ASP B 36 -17.07 11.56 -13.14
CA ASP B 36 -17.19 12.96 -13.52
C ASP B 36 -16.44 13.88 -12.56
N ALA B 37 -15.70 13.32 -11.62
CA ALA B 37 -14.97 14.12 -10.65
C ALA B 37 -13.53 14.35 -11.09
N THR B 38 -12.97 15.45 -10.59
CA THR B 38 -11.59 15.81 -10.81
C THR B 38 -10.89 15.83 -9.45
N VAL B 39 -9.72 15.24 -9.36
CA VAL B 39 -8.92 15.32 -8.15
C VAL B 39 -7.89 16.41 -8.34
N ILE B 40 -7.75 17.27 -7.34
CA ILE B 40 -6.75 18.33 -7.34
C ILE B 40 -5.93 18.17 -6.07
N LYS B 41 -4.62 18.28 -6.19
CA LYS B 41 -3.76 18.34 -5.02
C LYS B 41 -3.33 19.79 -4.82
N ILE B 42 -3.59 20.33 -3.61
CA ILE B 42 -3.09 21.64 -3.21
C ILE B 42 -1.79 21.44 -2.44
N GLY B 43 -0.67 21.92 -2.99
CA GLY B 43 0.63 21.64 -2.41
C GLY B 43 0.78 22.19 -1.00
N GLY B 44 1.50 21.44 -0.19
CA GLY B 44 1.84 21.91 1.14
C GLY B 44 2.92 22.96 1.15
N GLN B 45 4.15 22.57 0.79
CA GLN B 45 5.22 23.56 0.73
C GLN B 45 4.92 24.60 -0.33
N SER B 46 4.34 24.19 -1.45
CA SER B 46 4.22 25.12 -2.57
C SER B 46 3.06 26.09 -2.41
N VAL B 47 2.02 25.76 -1.64
CA VAL B 47 0.85 26.62 -1.52
C VAL B 47 0.47 26.93 -0.09
N ILE B 48 0.12 25.91 0.71
CA ILE B 48 -0.52 26.19 1.99
C ILE B 48 0.47 26.84 2.95
N ASP B 49 1.72 26.38 2.93
CA ASP B 49 2.74 26.96 3.80
C ASP B 49 2.98 28.45 3.52
N ARG B 50 2.54 28.93 2.35
CA ARG B 50 2.74 30.33 2.00
C ARG B 50 1.66 31.24 2.56
N GLY B 51 0.60 30.68 3.15
CA GLY B 51 -0.38 31.50 3.81
C GLY B 51 -1.38 32.16 2.88
N ARG B 52 -1.90 33.29 3.34
N ARG B 52 -1.94 33.30 3.32
CA ARG B 52 -3.10 33.90 2.76
CA ARG B 52 -3.16 33.76 2.66
C ARG B 52 -2.88 34.23 1.29
C ARG B 52 -2.92 34.29 1.26
N ALA B 53 -1.74 34.83 0.96
CA ALA B 53 -1.51 35.32 -0.39
C ALA B 53 -1.65 34.21 -1.42
N ALA B 54 -1.32 32.98 -1.04
CA ALA B 54 -1.48 31.83 -1.92
C ALA B 54 -2.82 31.14 -1.75
N VAL B 55 -3.28 30.97 -0.51
CA VAL B 55 -4.44 30.14 -0.24
C VAL B 55 -5.74 30.86 -0.60
N TYR B 56 -5.86 32.15 -0.27
CA TYR B 56 -7.14 32.82 -0.44
C TYR B 56 -7.55 32.82 -1.91
N PRO B 57 -6.67 33.13 -2.88
CA PRO B 57 -7.11 33.09 -4.29
C PRO B 57 -7.57 31.71 -4.70
N LEU B 58 -6.94 30.66 -4.18
CA LEU B 58 -7.35 29.32 -4.56
C LEU B 58 -8.68 28.95 -3.93
N VAL B 59 -8.92 29.40 -2.69
CA VAL B 59 -10.26 29.26 -2.11
C VAL B 59 -11.31 29.85 -3.04
N ASP B 60 -11.06 31.08 -3.52
CA ASP B 60 -12.01 31.72 -4.42
C ASP B 60 -12.23 30.88 -5.66
N GLU B 61 -11.16 30.31 -6.23
CA GLU B 61 -11.30 29.51 -7.43
C GLU B 61 -12.07 28.23 -7.15
N ILE B 62 -11.82 27.60 -5.99
CA ILE B 62 -12.55 26.39 -5.63
C ILE B 62 -14.04 26.69 -5.56
N VAL B 63 -14.40 27.80 -4.90
CA VAL B 63 -15.80 28.16 -4.74
C VAL B 63 -16.46 28.41 -6.11
N ALA B 64 -15.72 29.07 -7.01
CA ALA B 64 -16.25 29.32 -8.34
C ALA B 64 -16.39 28.04 -9.15
N ALA B 65 -15.47 27.09 -8.95
CA ALA B 65 -15.41 25.91 -9.81
C ALA B 65 -16.47 24.89 -9.45
N ARG B 66 -16.78 24.73 -8.18
CA ARG B 66 -17.73 23.69 -7.85
C ARG B 66 -19.09 23.91 -8.50
N LYS B 67 -19.30 25.09 -9.09
CA LYS B 67 -20.53 25.34 -9.82
C LYS B 67 -20.68 24.41 -11.02
N ASN B 68 -19.58 24.13 -11.76
CA ASN B 68 -19.63 23.31 -12.95
C ASN B 68 -18.68 22.12 -12.92
N HIS B 69 -18.02 21.89 -11.79
CA HIS B 69 -17.01 20.85 -11.71
C HIS B 69 -17.10 20.18 -10.35
N LYS B 70 -17.10 18.85 -10.36
CA LYS B 70 -17.04 18.07 -9.13
C LYS B 70 -15.58 17.87 -8.73
N LEU B 71 -15.24 18.26 -7.49
CA LEU B 71 -13.86 18.30 -7.05
C LEU B 71 -13.58 17.50 -5.79
N LEU B 72 -12.52 16.69 -5.83
CA LEU B 72 -11.92 16.11 -4.63
C LEU B 72 -10.59 16.83 -4.42
N ILE B 73 -10.48 17.58 -3.34
CA ILE B 73 -9.36 18.49 -3.10
C ILE B 73 -8.48 17.93 -2.00
N GLY B 74 -7.29 17.43 -2.35
CA GLY B 74 -6.38 16.85 -1.39
C GLY B 74 -5.27 17.80 -0.99
N THR B 75 -4.79 17.69 0.23
CA THR B 75 -3.74 18.60 0.70
C THR B 75 -2.38 17.90 0.78
N GLY B 76 -1.34 18.67 0.49
CA GLY B 76 0.01 18.28 0.79
C GLY B 76 0.40 18.57 2.23
N ALA B 77 1.67 18.34 2.52
CA ALA B 77 2.16 18.38 3.90
C ALA B 77 3.10 19.56 4.10
N GLY B 78 4.31 19.52 3.56
CA GLY B 78 5.15 20.70 3.59
C GLY B 78 6.18 20.76 4.69
N THR B 79 6.54 21.97 5.11
CA THR B 79 7.75 22.16 5.90
C THR B 79 7.67 21.47 7.25
N ARG B 80 6.49 21.39 7.87
CA ARG B 80 6.41 20.72 9.17
C ARG B 80 6.67 19.23 9.03
N ALA B 81 6.28 18.63 7.91
CA ALA B 81 6.60 17.23 7.69
C ALA B 81 8.10 17.04 7.45
N ARG B 82 8.72 17.94 6.70
CA ARG B 82 10.18 17.88 6.55
C ARG B 82 10.89 17.93 7.90
N HIS B 83 10.40 18.77 8.81
CA HIS B 83 11.01 18.87 10.13
C HIS B 83 10.86 17.54 10.87
N LEU B 84 9.65 16.99 10.87
CA LEU B 84 9.44 15.70 11.53
C LEU B 84 10.30 14.61 10.92
N TYR B 85 10.39 14.56 9.60
CA TYR B 85 11.22 13.55 8.96
C TYR B 85 12.67 13.71 9.39
N SER B 86 13.15 14.94 9.54
CA SER B 86 14.54 15.16 9.93
C SER B 86 14.78 14.68 11.35
N ILE B 87 13.88 15.02 12.27
CA ILE B 87 14.01 14.56 13.65
C ILE B 87 14.01 13.04 13.68
N ALA B 88 13.01 12.41 13.04
CA ALA B 88 12.85 10.97 13.15
C ALA B 88 13.96 10.24 12.41
N ALA B 89 14.38 10.73 11.25
CA ALA B 89 15.47 10.08 10.53
C ALA B 89 16.76 10.11 11.36
N GLY B 90 16.99 11.22 12.06
CA GLY B 90 18.18 11.33 12.89
C GLY B 90 18.20 10.39 14.07
N LEU B 91 17.01 9.91 14.48
CA LEU B 91 16.88 8.91 15.53
C LEU B 91 16.98 7.49 15.01
N GLY B 92 17.05 7.31 13.70
CA GLY B 92 17.03 5.98 13.12
C GLY B 92 15.67 5.35 13.02
N LEU B 93 14.61 6.13 12.98
CA LEU B 93 13.29 5.53 12.88
C LEU B 93 13.00 5.16 11.42
N PRO B 94 12.23 4.11 11.21
CA PRO B 94 12.02 3.60 9.85
C PRO B 94 10.92 4.36 9.13
N ALA B 95 10.88 4.14 7.80
CA ALA B 95 9.94 4.84 6.93
C ALA B 95 8.50 4.71 7.40
N GLY B 96 8.13 3.54 7.93
CA GLY B 96 6.76 3.37 8.38
C GLY B 96 6.38 4.28 9.52
N VAL B 97 7.33 4.58 10.42
CA VAL B 97 7.07 5.53 11.48
C VAL B 97 6.97 6.95 10.92
N LEU B 98 7.89 7.31 10.02
CA LEU B 98 7.83 8.62 9.39
C LEU B 98 6.51 8.83 8.64
N ALA B 99 5.93 7.78 8.07
CA ALA B 99 4.72 7.95 7.29
C ALA B 99 3.58 8.54 8.13
N GLN B 100 3.39 8.03 9.35
CA GLN B 100 2.33 8.53 10.22
C GLN B 100 2.59 9.97 10.63
N LEU B 101 3.86 10.32 10.83
CA LEU B 101 4.16 11.71 11.19
C LEU B 101 3.76 12.65 10.06
N GLY B 102 4.08 12.28 8.83
CA GLY B 102 3.72 13.15 7.70
C GLY B 102 2.22 13.28 7.53
N SER B 103 1.49 12.19 7.76
CA SER B 103 0.03 12.23 7.65
C SER B 103 -0.58 13.31 8.54
N SER B 104 -0.05 13.49 9.75
CA SER B 104 -0.61 14.47 10.66
C SER B 104 -0.50 15.88 10.11
N VAL B 105 0.57 16.16 9.37
CA VAL B 105 0.78 17.50 8.83
C VAL B 105 -0.18 17.76 7.68
N ALA B 106 -0.36 16.76 6.80
CA ALA B 106 -1.36 16.91 5.74
C ALA B 106 -2.76 17.08 6.32
N ASP B 107 -3.05 16.43 7.45
CA ASP B 107 -4.32 16.61 8.12
C ASP B 107 -4.49 18.03 8.65
N GLN B 108 -3.44 18.61 9.24
CA GLN B 108 -3.51 20.00 9.69
C GLN B 108 -3.85 20.92 8.53
N ASN B 109 -3.21 20.70 7.39
CA ASN B 109 -3.46 21.53 6.23
C ASN B 109 -4.88 21.36 5.72
N ALA B 110 -5.39 20.13 5.72
CA ALA B 110 -6.79 19.92 5.33
C ALA B 110 -7.75 20.64 6.25
N ALA B 111 -7.47 20.65 7.55
CA ALA B 111 -8.33 21.35 8.49
C ALA B 111 -8.32 22.85 8.24
N MET B 112 -7.14 23.42 7.95
CA MET B 112 -7.07 24.86 7.71
C MET B 112 -7.85 25.22 6.45
N LEU B 113 -7.63 24.48 5.37
CA LEU B 113 -8.34 24.75 4.13
C LEU B 113 -9.83 24.53 4.30
N GLY B 114 -10.21 23.46 5.00
CA GLY B 114 -11.62 23.17 5.21
C GLY B 114 -12.35 24.27 5.94
N GLN B 115 -11.69 24.88 6.93
CA GLN B 115 -12.34 25.92 7.71
C GLN B 115 -12.59 27.16 6.88
N LEU B 116 -11.73 27.42 5.89
CA LEU B 116 -11.97 28.54 4.99
C LEU B 116 -13.10 28.25 4.02
N LEU B 117 -13.42 26.97 3.78
CA LEU B 117 -14.48 26.58 2.84
C LEU B 117 -15.78 26.19 3.53
N ALA B 118 -15.76 26.07 4.86
CA ALA B 118 -16.93 25.57 5.60
C ALA B 118 -18.20 26.36 5.29
N LYS B 119 -18.09 27.69 5.21
CA LYS B 119 -19.29 28.50 4.98
C LYS B 119 -19.86 28.30 3.60
N HIS B 120 -19.11 27.68 2.69
CA HIS B 120 -19.56 27.33 1.36
C HIS B 120 -20.11 25.92 1.28
N GLY B 121 -20.18 25.22 2.41
CA GLY B 121 -20.75 23.91 2.50
C GLY B 121 -19.80 22.75 2.32
N ILE B 122 -18.52 23.03 2.10
CA ILE B 122 -17.55 22.01 1.66
C ILE B 122 -16.93 21.38 2.88
N PRO B 123 -17.07 20.07 3.08
CA PRO B 123 -16.55 19.43 4.28
C PRO B 123 -15.14 18.90 4.08
N VAL B 124 -14.49 18.62 5.21
CA VAL B 124 -13.28 17.81 5.24
C VAL B 124 -13.69 16.38 5.49
N VAL B 125 -13.18 15.47 4.68
CA VAL B 125 -13.51 14.07 4.81
C VAL B 125 -12.22 13.26 4.94
N VAL B 133 -17.91 10.93 1.00
CA VAL B 133 -17.60 11.59 -0.27
C VAL B 133 -18.85 11.61 -1.18
N PRO B 134 -19.58 10.50 -1.34
CA PRO B 134 -20.65 10.51 -2.35
C PRO B 134 -21.73 11.57 -2.11
N LEU B 135 -22.15 11.73 -0.87
CA LEU B 135 -23.22 12.70 -0.54
C LEU B 135 -22.70 14.12 -0.75
N SER B 136 -21.52 14.43 -0.21
CA SER B 136 -20.92 15.75 -0.36
C SER B 136 -20.77 16.13 -1.83
N LEU B 137 -20.25 15.21 -2.65
CA LEU B 137 -20.07 15.51 -4.06
C LEU B 137 -21.41 15.74 -4.76
N ALA B 138 -22.44 14.98 -4.37
CA ALA B 138 -23.75 15.19 -4.95
C ALA B 138 -24.34 16.55 -4.60
N GLU B 139 -24.08 17.05 -3.39
CA GLU B 139 -24.78 18.26 -2.95
C GLU B 139 -23.97 19.54 -3.11
N VAL B 140 -22.73 19.58 -2.62
CA VAL B 140 -21.92 20.81 -2.64
C VAL B 140 -20.79 20.72 -3.64
N ASN B 141 -20.65 19.60 -4.32
CA ASN B 141 -19.78 19.44 -5.48
C ASN B 141 -18.32 19.48 -5.17
N ALA B 142 -17.94 19.31 -3.90
CA ALA B 142 -16.53 19.33 -3.52
C ALA B 142 -16.37 18.76 -2.13
N VAL B 143 -15.21 18.19 -1.87
CA VAL B 143 -14.77 17.79 -0.55
C VAL B 143 -13.28 18.08 -0.44
N VAL B 144 -12.81 18.22 0.81
CA VAL B 144 -11.38 18.38 1.11
C VAL B 144 -10.93 17.14 1.86
N PHE B 145 -9.72 16.65 1.53
CA PHE B 145 -9.16 15.47 2.20
C PHE B 145 -7.65 15.64 2.35
N SER B 146 -7.10 14.93 3.35
CA SER B 146 -5.66 14.89 3.53
C SER B 146 -5.04 13.92 2.53
N GLY B 147 -3.98 14.34 1.89
CA GLY B 147 -3.42 13.61 0.76
C GLY B 147 -2.50 12.45 1.07
N MET B 148 -2.16 12.21 2.31
CA MET B 148 -1.18 11.16 2.58
C MET B 148 -1.83 9.78 2.47
N PRO B 149 -1.17 8.80 1.86
CA PRO B 149 -1.75 7.44 1.84
C PRO B 149 -1.80 6.85 3.25
N PRO B 150 -2.69 5.87 3.48
CA PRO B 150 -2.93 5.36 4.83
C PRO B 150 -2.03 4.21 5.25
N TYR B 151 -0.85 4.11 4.64
CA TYR B 151 -0.05 2.89 4.77
C TYR B 151 0.55 2.75 6.15
N LYS B 152 0.84 3.87 6.82
CA LYS B 152 1.35 3.87 8.18
C LYS B 152 2.58 2.97 8.25
N LEU B 153 2.73 2.01 9.20
CA LEU B 153 3.89 1.17 9.45
C LEU B 153 4.08 0.24 8.26
N TRP B 154 3.07 0.10 7.39
CA TRP B 154 3.18 -0.80 6.26
C TRP B 154 3.60 -0.06 5.00
N MET B 155 4.11 1.16 5.13
CA MET B 155 4.69 1.90 4.01
C MET B 155 5.89 1.15 3.46
N ARG B 156 5.94 0.96 2.14
CA ARG B 156 7.12 0.36 1.57
C ARG B 156 8.25 1.39 1.61
N PRO B 157 9.43 1.04 2.12
CA PRO B 157 10.52 2.01 2.14
C PRO B 157 11.09 2.21 0.73
N ALA B 158 11.76 3.32 0.55
CA ALA B 158 12.55 3.53 -0.65
C ALA B 158 13.77 2.62 -0.65
N ALA B 159 14.43 2.52 -1.80
CA ALA B 159 15.65 1.74 -1.89
C ALA B 159 16.72 2.29 -0.94
N GLU B 160 16.74 3.60 -0.71
CA GLU B 160 17.76 4.24 0.12
C GLU B 160 17.07 5.25 1.02
N GLY B 161 17.44 5.24 2.31
CA GLY B 161 16.91 6.22 3.24
C GLY B 161 15.56 5.84 3.81
N VAL B 162 15.11 6.67 4.76
CA VAL B 162 13.88 6.39 5.50
C VAL B 162 12.74 7.37 5.16
N ILE B 163 12.93 8.28 4.22
CA ILE B 163 11.82 9.17 3.83
C ILE B 163 10.75 8.35 3.12
N PRO B 164 9.49 8.39 3.55
CA PRO B 164 8.44 7.60 2.86
C PRO B 164 8.39 7.96 1.39
N PRO B 165 8.43 6.96 0.49
CA PRO B 165 8.42 7.29 -0.94
C PRO B 165 7.05 7.63 -1.48
N TYR B 166 5.98 7.18 -0.83
CA TYR B 166 4.61 7.48 -1.25
C TYR B 166 4.07 8.52 -0.29
N ARG B 167 4.07 9.80 -0.72
CA ARG B 167 3.61 10.91 0.12
C ARG B 167 2.32 11.47 -0.51
N THR B 168 2.09 12.77 -0.47
CA THR B 168 0.78 13.30 -0.82
C THR B 168 0.55 13.36 -2.33
N ASP B 169 1.57 13.50 -3.18
CA ASP B 169 1.29 13.38 -4.61
C ASP B 169 0.74 11.98 -4.91
N ALA B 170 1.38 10.94 -4.33
CA ALA B 170 0.95 9.57 -4.57
C ALA B 170 -0.44 9.32 -4.01
N GLY B 171 -0.72 9.82 -2.82
CA GLY B 171 -2.01 9.62 -2.21
C GLY B 171 -3.13 10.19 -3.07
N CYS B 172 -2.96 11.42 -3.54
CA CYS B 172 -3.98 12.03 -4.36
C CYS B 172 -4.13 11.30 -5.68
N PHE B 173 -3.00 10.95 -6.31
CA PHE B 173 -3.07 10.24 -7.57
C PHE B 173 -3.82 8.92 -7.41
N LEU B 174 -3.50 8.17 -6.36
CA LEU B 174 -4.11 6.86 -6.22
C LEU B 174 -5.62 6.98 -6.01
N LEU B 175 -6.07 8.02 -5.32
CA LEU B 175 -7.51 8.18 -5.16
C LEU B 175 -8.17 8.50 -6.50
N ALA B 176 -7.52 9.36 -7.30
CA ALA B 176 -8.08 9.64 -8.62
C ALA B 176 -8.18 8.37 -9.44
N GLU B 177 -7.14 7.53 -9.38
CA GLU B 177 -7.11 6.30 -10.16
C GLU B 177 -8.15 5.31 -9.66
N GLN B 178 -8.22 5.10 -8.34
N GLN B 178 -8.27 5.10 -8.36
CA GLN B 178 -9.18 4.16 -7.77
CA GLN B 178 -9.17 4.06 -7.90
C GLN B 178 -10.59 4.53 -8.15
C GLN B 178 -10.63 4.47 -7.93
N PHE B 179 -10.96 5.77 -7.89
CA PHE B 179 -12.29 6.24 -8.18
C PHE B 179 -12.57 6.46 -9.67
N GLY B 180 -11.60 6.25 -10.54
CA GLY B 180 -11.89 6.38 -11.95
C GLY B 180 -12.23 7.79 -12.36
N CYS B 181 -11.63 8.78 -11.68
CA CYS B 181 -11.90 10.19 -11.96
C CYS B 181 -11.41 10.59 -13.34
N LYS B 182 -11.97 11.69 -13.84
CA LYS B 182 -11.65 12.06 -15.21
C LYS B 182 -10.35 12.84 -15.35
N GLN B 183 -9.78 13.33 -14.27
CA GLN B 183 -8.69 14.31 -14.36
C GLN B 183 -8.00 14.41 -13.02
N MET B 184 -6.66 14.60 -13.07
CA MET B 184 -5.82 14.80 -11.90
C MET B 184 -4.95 16.03 -12.14
N ILE B 185 -5.09 17.03 -11.27
CA ILE B 185 -4.36 18.30 -11.38
C ILE B 185 -3.55 18.51 -10.11
N PHE B 186 -2.24 18.65 -10.27
CA PHE B 186 -1.35 18.97 -9.16
C PHE B 186 -1.12 20.48 -9.16
N VAL B 187 -1.44 21.13 -8.07
CA VAL B 187 -1.29 22.58 -7.91
C VAL B 187 -0.05 22.85 -7.09
N LYS B 188 0.98 23.37 -7.77
CA LYS B 188 2.28 23.64 -7.16
C LYS B 188 2.62 25.12 -7.27
N ASP B 189 3.91 25.47 -7.19
CA ASP B 189 4.34 26.87 -7.18
C ASP B 189 5.24 27.22 -8.34
N GLU B 190 5.23 26.39 -9.39
CA GLU B 190 5.97 26.65 -10.61
C GLU B 190 5.02 26.43 -11.78
N ASP B 191 5.35 27.04 -12.92
CA ASP B 191 4.42 26.98 -14.04
C ASP B 191 4.27 25.56 -14.58
N GLY B 192 5.27 24.73 -14.39
CA GLY B 192 5.17 23.35 -14.82
C GLY B 192 6.52 22.72 -14.69
N LEU B 193 6.73 21.70 -15.51
CA LEU B 193 8.03 21.04 -15.56
C LEU B 193 8.99 21.84 -16.43
N TYR B 194 10.23 21.94 -15.97
CA TYR B 194 11.30 22.52 -16.76
C TYR B 194 12.40 21.49 -16.98
N THR B 195 13.35 21.81 -17.87
CA THR B 195 14.46 20.91 -18.12
C THR B 195 15.39 20.80 -16.91
N ALA B 196 15.29 21.73 -15.96
CA ALA B 196 16.03 21.71 -14.71
C ALA B 196 15.18 22.41 -13.66
N ASN B 197 15.53 22.21 -12.39
CA ASN B 197 14.80 22.87 -11.32
C ASN B 197 14.85 24.39 -11.55
N PRO B 198 13.73 25.06 -11.78
CA PRO B 198 13.81 26.50 -12.09
C PRO B 198 14.27 27.36 -10.93
N LYS B 199 14.22 26.85 -9.70
CA LYS B 199 14.67 27.63 -8.56
C LYS B 199 16.19 27.62 -8.40
N THR B 200 16.87 26.60 -8.94
CA THR B 200 18.31 26.47 -8.78
C THR B 200 19.06 26.50 -10.09
N SER B 201 18.42 26.89 -11.19
CA SER B 201 19.05 26.93 -12.50
C SER B 201 18.58 28.18 -13.24
N LYS B 202 19.52 28.83 -13.94
CA LYS B 202 19.25 30.13 -14.54
C LYS B 202 18.46 30.01 -15.85
N ASP B 203 18.79 29.03 -16.69
CA ASP B 203 18.28 28.95 -18.05
C ASP B 203 17.48 27.69 -18.29
N ALA B 204 16.68 27.27 -17.31
CA ALA B 204 15.85 26.09 -17.52
C ALA B 204 14.76 26.42 -18.53
N THR B 205 14.39 25.42 -19.34
CA THR B 205 13.40 25.58 -20.40
C THR B 205 12.09 24.89 -20.04
N PHE B 206 10.96 25.55 -20.35
CA PHE B 206 9.66 25.02 -19.98
C PHE B 206 9.25 23.87 -20.90
N ILE B 207 8.62 22.86 -20.32
CA ILE B 207 8.17 21.69 -21.07
C ILE B 207 6.65 21.61 -21.04
N PRO B 208 5.92 21.90 -22.12
CA PRO B 208 4.45 21.84 -22.02
C PRO B 208 3.87 20.44 -21.91
N ARG B 209 4.54 19.43 -22.48
CA ARG B 209 3.96 18.10 -22.57
C ARG B 209 5.08 17.08 -22.68
N ILE B 210 4.99 16.01 -21.89
CA ILE B 210 6.04 15.00 -21.89
C ILE B 210 5.45 13.69 -21.40
N SER B 211 6.03 12.59 -21.86
CA SER B 211 5.67 11.26 -21.36
C SER B 211 6.60 10.88 -20.22
N VAL B 212 6.14 9.93 -19.40
CA VAL B 212 6.96 9.42 -18.32
C VAL B 212 8.29 8.89 -18.84
N ASP B 213 8.26 8.12 -19.94
CA ASP B 213 9.50 7.57 -20.47
C ASP B 213 10.46 8.68 -20.87
N GLU B 214 9.94 9.73 -21.52
CA GLU B 214 10.78 10.86 -21.92
C GLU B 214 11.36 11.57 -20.70
N MET B 215 10.57 11.72 -19.64
CA MET B 215 11.09 12.31 -18.41
C MET B 215 12.27 11.50 -17.87
N LYS B 216 12.11 10.18 -17.78
CA LYS B 216 13.20 9.35 -17.29
C LYS B 216 14.43 9.50 -18.16
N ALA B 217 14.25 9.48 -19.48
CA ALA B 217 15.38 9.58 -20.39
C ALA B 217 16.09 10.92 -20.31
N LYS B 218 15.39 11.96 -19.85
CA LYS B 218 16.00 13.28 -19.70
C LYS B 218 16.55 13.52 -18.29
N GLY B 219 16.55 12.52 -17.42
CA GLY B 219 17.05 12.69 -16.07
C GLY B 219 16.07 13.35 -15.13
N LEU B 220 14.80 13.45 -15.48
CA LEU B 220 13.81 14.18 -14.70
C LEU B 220 12.91 13.27 -13.89
N HIS B 221 13.36 12.07 -13.53
CA HIS B 221 12.49 11.13 -12.82
C HIS B 221 11.96 11.73 -11.52
N ASP B 222 12.79 12.49 -10.79
CA ASP B 222 12.41 13.10 -9.49
C ASP B 222 12.52 14.62 -9.56
N SER B 223 11.60 15.26 -10.25
CA SER B 223 11.60 16.73 -10.42
C SER B 223 10.35 17.35 -9.76
N ILE B 224 9.27 17.71 -10.48
CA ILE B 224 8.16 18.45 -9.84
C ILE B 224 7.18 17.46 -9.19
N LEU B 225 7.26 16.16 -9.47
CA LEU B 225 6.43 15.17 -8.79
C LEU B 225 7.25 14.08 -8.11
N GLU B 226 6.75 13.53 -6.99
CA GLU B 226 7.37 12.34 -6.40
C GLU B 226 7.62 11.31 -7.51
N PHE B 227 8.86 10.85 -7.70
CA PHE B 227 9.12 9.93 -8.81
C PHE B 227 8.34 8.63 -8.72
N PRO B 228 8.01 8.11 -7.53
CA PRO B 228 7.10 6.95 -7.51
C PRO B 228 5.76 7.21 -8.18
N VAL B 229 5.29 8.45 -8.22
CA VAL B 229 4.01 8.73 -8.86
C VAL B 229 4.06 8.46 -10.36
N LEU B 230 5.22 8.70 -10.97
CA LEU B 230 5.35 8.48 -12.40
C LEU B 230 5.19 7.00 -12.76
N ASP B 231 5.66 6.11 -11.88
CA ASP B 231 5.48 4.69 -12.14
C ASP B 231 4.05 4.25 -11.88
N LEU B 232 3.43 4.81 -10.83
CA LEU B 232 2.00 4.56 -10.62
C LEU B 232 1.21 4.99 -11.85
N LEU B 233 1.55 6.15 -12.40
CA LEU B 233 0.85 6.65 -13.59
C LEU B 233 0.97 5.68 -14.75
N GLN B 234 2.14 5.06 -14.94
CA GLN B 234 2.28 4.13 -16.04
C GLN B 234 1.49 2.83 -15.81
N SER B 235 1.21 2.50 -14.56
CA SER B 235 0.42 1.32 -14.25
C SER B 235 -1.08 1.58 -14.19
N ALA B 236 -1.50 2.85 -14.27
CA ALA B 236 -2.89 3.21 -14.00
C ALA B 236 -3.83 2.72 -15.09
N GLN B 237 -5.05 2.38 -14.68
CA GLN B 237 -6.07 1.95 -15.62
C GLN B 237 -6.95 3.10 -16.08
N HIS B 238 -7.13 4.09 -15.24
CA HIS B 238 -8.14 5.12 -15.48
C HIS B 238 -7.57 6.50 -15.71
N VAL B 239 -6.56 6.89 -14.96
CA VAL B 239 -5.95 8.21 -15.07
C VAL B 239 -4.60 8.01 -15.74
N ARG B 240 -4.55 8.31 -17.05
CA ARG B 240 -3.39 8.03 -17.89
C ARG B 240 -2.58 9.29 -18.22
N GLU B 241 -2.94 10.43 -17.64
CA GLU B 241 -2.14 11.63 -17.75
C GLU B 241 -2.48 12.48 -16.54
N VAL B 242 -1.60 13.42 -16.23
CA VAL B 242 -1.83 14.37 -15.14
C VAL B 242 -1.41 15.74 -15.64
N GLN B 243 -1.89 16.77 -14.96
CA GLN B 243 -1.51 18.14 -15.30
C GLN B 243 -0.94 18.80 -14.06
N VAL B 244 0.14 19.53 -14.24
CA VAL B 244 0.80 20.24 -13.15
C VAL B 244 0.70 21.73 -13.45
N VAL B 245 0.18 22.51 -12.50
CA VAL B 245 -0.07 23.92 -12.74
C VAL B 245 0.42 24.75 -11.56
N ASN B 246 0.57 26.05 -11.79
CA ASN B 246 1.04 26.99 -10.77
C ASN B 246 -0.16 27.59 -10.06
N GLY B 247 -0.37 27.19 -8.80
CA GLY B 247 -1.46 27.75 -8.03
C GLY B 247 -1.27 29.18 -7.60
N LEU B 248 -0.07 29.73 -7.76
CA LEU B 248 0.17 31.12 -7.40
C LEU B 248 -0.26 32.11 -8.47
N VAL B 249 -0.57 31.64 -9.68
CA VAL B 249 -1.05 32.51 -10.76
C VAL B 249 -2.56 32.60 -10.63
N PRO B 250 -3.14 33.81 -10.49
CA PRO B 250 -4.59 33.92 -10.36
C PRO B 250 -5.31 33.26 -11.53
N GLY B 251 -6.34 32.47 -11.22
CA GLY B 251 -7.17 31.84 -12.22
C GLY B 251 -6.62 30.60 -12.87
N ASN B 252 -5.41 30.19 -12.53
CA ASN B 252 -4.79 29.06 -13.21
C ASN B 252 -5.57 27.78 -12.99
N LEU B 253 -6.06 27.54 -11.76
CA LEU B 253 -6.87 26.35 -11.53
C LEU B 253 -8.18 26.41 -12.30
N THR B 254 -8.84 27.57 -12.32
CA THR B 254 -10.05 27.74 -13.10
C THR B 254 -9.82 27.43 -14.58
N ARG B 255 -8.73 27.95 -15.12
CA ARG B 255 -8.43 27.73 -16.54
C ARG B 255 -8.11 26.27 -16.83
N ALA B 256 -7.37 25.59 -15.94
CA ALA B 256 -7.11 24.17 -16.16
C ALA B 256 -8.40 23.36 -16.15
N LEU B 257 -9.31 23.69 -15.23
CA LEU B 257 -10.60 22.99 -15.18
C LEU B 257 -11.44 23.25 -16.41
N ALA B 258 -11.24 24.40 -17.04
CA ALA B 258 -11.93 24.73 -18.28
C ALA B 258 -11.29 24.10 -19.52
N GLY B 259 -10.23 23.32 -19.37
CA GLY B 259 -9.60 22.67 -20.50
C GLY B 259 -8.45 23.44 -21.12
N GLU B 260 -8.00 24.52 -20.50
CA GLU B 260 -6.88 25.28 -21.06
C GLU B 260 -5.59 24.56 -20.70
N HIS B 261 -4.65 24.57 -21.63
CA HIS B 261 -3.44 23.77 -21.43
C HIS B 261 -2.35 24.54 -20.70
N VAL B 262 -2.74 25.10 -19.55
CA VAL B 262 -1.75 25.79 -18.73
C VAL B 262 -0.84 24.74 -18.10
N GLY B 263 0.38 25.12 -17.83
CA GLY B 263 1.19 24.12 -17.16
C GLY B 263 1.68 23.01 -18.06
N THR B 264 1.98 21.88 -17.43
CA THR B 264 2.58 20.74 -18.10
C THR B 264 1.65 19.53 -17.98
N ILE B 265 1.46 18.86 -19.10
CA ILE B 265 0.72 17.60 -19.15
C ILE B 265 1.76 16.49 -19.22
N ILE B 266 1.72 15.58 -18.23
CA ILE B 266 2.60 14.41 -18.20
C ILE B 266 1.73 13.21 -18.53
N THR B 267 2.12 12.47 -19.56
CA THR B 267 1.34 11.32 -20.02
C THR B 267 2.04 10.01 -19.65
N ALA B 268 1.21 9.00 -19.37
CA ALA B 268 1.74 7.66 -19.10
C ALA B 268 2.52 7.13 -20.28
N SER B 269 2.01 7.32 -21.50
CA SER B 269 2.67 6.80 -22.67
C SER B 269 2.82 7.88 -23.74
MG MG C . 0.49 -18.49 0.59
PG ATP D . -3.42 -16.14 2.02
O1G ATP D . -2.96 -16.20 3.45
O2G ATP D . -4.80 -15.57 1.86
O3G ATP D . -2.43 -15.52 1.08
PB ATP D . -2.56 -18.91 1.73
O1B ATP D . -3.09 -19.84 2.80
O2B ATP D . -1.15 -18.42 1.76
O3B ATP D . -3.62 -17.67 1.57
PA ATP D . -2.11 -19.51 -1.05
O1A ATP D . -3.05 -18.64 -1.85
O2A ATP D . -0.68 -19.07 -1.00
O3A ATP D . -2.85 -19.70 0.36
O5' ATP D . -2.24 -21.01 -1.57
C5' ATP D . -1.25 -21.96 -1.20
C4' ATP D . -1.13 -22.84 -2.43
O4' ATP D . -0.30 -22.20 -3.41
C3' ATP D . -0.55 -24.25 -2.29
O3' ATP D . -1.52 -25.10 -1.75
C2' ATP D . -0.20 -24.54 -3.75
O2' ATP D . -1.25 -25.26 -4.37
C1' ATP D . -0.11 -23.19 -4.45
N9 ATP D . 1.14 -22.97 -5.17
C8 ATP D . 1.19 -22.37 -6.39
N7 ATP D . 2.47 -22.33 -6.83
C5 ATP D . 3.22 -22.93 -5.87
C6 ATP D . 4.65 -23.23 -5.72
N6 ATP D . 5.52 -22.86 -6.68
N1 ATP D . 5.03 -23.87 -4.60
C2 ATP D . 4.16 -24.24 -3.63
N3 ATP D . 2.83 -24.00 -3.70
C4 ATP D . 2.34 -23.36 -4.79
H5'1 ATP D . -1.55 -22.54 -0.33
H5'2 ATP D . -0.30 -21.48 -0.97
H4' ATP D . -2.19 -22.95 -2.69
H3' ATP D . 0.30 -24.38 -1.60
HO3' ATP D . -1.11 -25.95 -1.51
H2' ATP D . 0.73 -25.13 -3.81
HO2' ATP D . -0.95 -26.15 -4.61
H1' ATP D . -0.88 -23.14 -5.23
H8 ATP D . 0.35 -21.97 -6.92
HN61 ATP D . 6.50 -23.05 -6.57
HN62 ATP D . 5.19 -22.37 -7.51
H2 ATP D . 4.54 -24.75 -2.76
O1 UNL E . -6.17 -3.10 21.72
O2 UNL E . -8.00 -2.07 24.39
O3 UNL E . -6.04 -4.98 23.83
O4 UNL E . -6.17 -1.26 24.89
W UNL E . -6.13 -2.71 23.55
O1 UNL F . -11.87 1.93 16.41
O2 UNL F . -9.50 1.65 19.26
O3 UNL F . -11.45 -1.27 17.96
O4 UNL F . -11.74 3.74 18.54
O5 UNL F . -14.47 0.83 18.62
W UNL F . -11.89 1.26 18.68
O31 UNL G . -6.91 2.59 17.52
O32 UNL G . -7.64 4.56 20.56
O33 UNL G . -8.08 4.90 18.05
O34 UNL G . -8.83 2.68 19.22
O35 UNL G . -6.30 2.37 20.10
O36 UNL G . -5.59 4.64 18.84
O43 UNL G . -8.40 0.37 16.36
O44 UNL G . -9.52 2.78 16.84
O46 UNL G . -7.51 0.32 18.90
W3 UNL G . -7.22 3.67 19.04
W4 UNL G . -8.45 1.51 17.76
O11 UNL H . -8.43 -2.55 10.81
O12 UNL H . -7.61 -4.44 12.57
O16 UNL H . -10.50 -3.10 8.23
O17 UNL H . -9.23 0.11 11.33
O19 UNL H . -9.39 -1.22 13.45
O1 UNL H . -11.95 -8.05 11.10
O10 UNL H . -12.51 -6.19 13.99
O13 UNL H . -6.24 -3.13 6.07
O14 UNL H . -9.55 -1.09 7.05
O15 UNL H . -8.64 -2.91 4.86
O18 UNL H . -11.88 -0.47 12.23
O2 UNL H . -12.52 -6.58 8.76
O20 UNL H . -10.98 -0.86 9.79
O21 UNL H . -12.27 -3.71 6.86
O22 UNL H . -8.22 -0.35 9.07
O23 UNL H . -7.59 -2.50 8.25
O24 UNL H . -9.99 -6.99 9.38
O25 UNL H . -10.64 -2.43 5.40
O26 UNL H . -10.77 -3.25 11.96
O28 UNL H . -13.15 -1.52 8.83
O29 UNL H . -12.39 -1.55 6.35
O3 UNL H . -12.68 -5.13 11.14
O30 UNL H . -11.19 -4.36 4.83
O31 UNL H . -11.62 0.69 7.82
O32 UNL H . -9.12 -4.19 6.87
O4 UNL H . -10.22 -5.84 12.07
O5 UNL H . -10.59 -4.63 9.78
O6 UNL H . -11.00 -5.54 7.21
O7 UNL H . -8.07 -5.21 9.78
O8 UNL H . -8.28 -6.73 7.50
O9 UNL H . -13.50 -3.68 13.51
W1 UNL H . -11.54 -6.43 10.30
W2 UNL H . -9.45 -5.60 8.20
W3 UNL H . -11.95 -4.68 13.08
W4 UNL H . -8.90 -4.41 11.32
W5 UNL H . -8.13 -2.35 6.48
W6 UNL H . -10.15 -1.36 11.78
W7 UNL H . -10.68 -3.79 6.33
W8 UNL H . -9.25 -1.83 8.95
W9 UNL H . -11.38 -1.09 7.99
O11 UNL I . -12.39 5.59 5.09
O12 UNL I . -11.80 2.63 2.15
O13 UNL I . -12.19 3.43 7.03
O14 UNL I . -12.30 4.58 3.39
O15 UNL I . -14.94 4.70 4.66
O21 UNL I . -10.43 0.74 3.12
O22 UNL I . -11.62 2.69 4.43
O23 UNL I . -11.92 0.36 5.15
O25 UNL I . -13.43 2.39 3.87
O31 UNL I . -14.73 -1.27 0.86
O32 UNL I . -12.83 0.11 2.48
O33 UNL I . -14.91 1.22 1.65
O34 UNL I . -14.48 -1.88 3.39
O35 UNL I . -13.82 0.50 3.94
O41 UNL I . -17.04 4.82 6.80
O42 UNL I . -17.86 2.66 4.95
O43 UNL I . -17.50 5.02 3.99
O44 UNL I . -15.07 2.94 5.91
O45 UNL I . -16.32 2.56 3.78
O52 UNL I . -19.02 0.27 4.06
O53 UNL I . -18.26 1.82 2.13
O54 UNL I . -16.77 0.35 5.32
O55 UNL I . -16.48 -0.17 2.92
O56 UNL I . -14.67 4.17 1.93
O57 UNL I . -14.10 0.34 7.08
P1 UNL I . -14.80 2.60 2.81
P2 UNL I . -14.87 1.12 5.65
W1 UNL I . -13.07 4.06 4.83
W2 UNL I . -12.04 1.32 3.52
W3 UNL I . -14.57 -0.46 2.47
W4 UNL I . -16.50 3.86 5.21
W5 UNL I . -17.48 1.18 3.75
W UNL J . -8.43 4.71 2.31
O1 UNL J . -10.43 4.57 2.04
O2 UNL J . -7.88 3.76 4.03
O3 UNL J . -7.53 3.84 0.71
O4 UNL J . -7.94 6.68 2.43
P PO4 K . 0.99 -11.80 -6.97
O1 PO4 K . -0.51 -11.75 -7.07
O2 PO4 K . 1.54 -12.75 -8.00
O3 PO4 K . 1.52 -10.40 -7.24
O4 PO4 K . 1.39 -12.19 -5.57
P UNL L . -3.94 -3.25 27.40
O2 UNL L . -2.56 -3.44 26.83
O4 UNL L . -4.72 -2.56 26.50
PG ATP M . 4.36 18.87 -0.38
O1G ATP M . 2.88 18.97 -0.70
O2G ATP M . 4.90 19.97 0.49
O3G ATP M . 4.85 17.46 -0.14
PB ATP M . 4.41 20.23 -2.97
O1B ATP M . 4.10 21.60 -2.44
O2B ATP M . 3.31 19.48 -3.69
O3B ATP M . 5.00 19.26 -1.82
PA ATP M . 7.17 20.23 -3.75
O1A ATP M . 7.61 21.57 -3.20
O2A ATP M . 7.44 18.95 -3.01
O3A ATP M . 5.60 20.37 -4.02
O5' ATP M . 7.65 20.10 -5.28
C5' ATP M . 7.50 21.24 -6.14
C4' ATP M . 8.89 21.76 -6.36
O4' ATP M . 9.66 20.92 -7.25
C3' ATP M . 9.01 23.17 -6.96
O3' ATP M . 8.95 24.13 -5.94
C2' ATP M . 10.37 23.13 -7.66
O2' ATP M . 11.30 23.89 -6.91
C1' ATP M . 10.83 21.67 -7.66
N9 ATP M . 11.40 21.16 -8.91
C8 ATP M . 12.47 20.34 -8.94
N7 ATP M . 12.81 20.05 -10.22
C5 ATP M . 11.94 20.70 -11.02
C6 ATP M . 11.73 20.81 -12.47
N6 ATP M . 12.56 20.16 -13.33
N1 ATP M . 10.70 21.59 -12.90
C2 ATP M . 9.89 22.24 -12.05
N3 ATP M . 10.03 22.17 -10.71
C4 ATP M . 11.01 21.44 -10.14
H5'1 ATP M . 6.87 22.00 -5.67
H5'2 ATP M . 7.03 20.96 -7.08
H4' ATP M . 9.28 21.77 -5.34
H3' ATP M . 8.19 23.45 -7.65
HO3' ATP M . 8.07 24.14 -5.55
H2' ATP M . 10.30 23.55 -8.68
HO2' ATP M . 12.18 23.83 -7.31
H1' ATP M . 11.68 21.58 -6.97
H8 ATP M . 12.98 19.98 -8.07
HN61 ATP M . 12.42 20.23 -14.33
HN62 ATP M . 13.31 19.59 -12.98
H2 ATP M . 9.10 22.86 -12.46
O31 UNL N . -21.21 13.51 3.73
O32 UNL N . -18.28 14.69 5.84
O33 UNL N . -20.09 16.25 5.21
O35 UNL N . -20.57 17.86 6.84
O36 UNL N . -18.44 14.29 3.46
O42 UNL N . -21.36 14.61 5.99
O43 UNL N . -22.28 16.66 5.40
O44 UNL N . -21.93 16.87 10.61
O45 UNL N . -20.07 15.83 7.60
O51 UNL N . -20.17 13.19 7.80
O52 UNL N . -19.44 12.51 5.43
O53 UNL N . -18.25 13.92 8.11
O54 UNL N . -18.39 11.25 8.67
O55 UNL N . -16.52 11.87 6.73
O61 UNL N . -19.03 16.04 9.32
O62 UNL N . -19.71 14.06 9.84
O71 UNL N . -23.50 14.52 3.34
W3 UNL N . -19.69 14.19 4.86
W4 UNL N . -21.23 16.24 6.47
W5 UNL N . -18.38 12.01 7.05
W6 UNL N . -19.73 14.72 8.66
W7 UNL N . -23.52 14.38 5.10
O23 UNL O . -7.17 9.18 7.30
O11 UNL O . -10.00 11.36 8.76
O13 UNL O . -7.46 10.08 9.69
O14 UNL O . -11.32 9.12 9.74
O15 UNL O . -9.12 8.39 10.73
O21 UNL O . -7.13 7.25 6.17
O22 UNL O . -9.00 8.75 6.08
O24 UNL O . -9.47 6.72 6.74
O25 UNL O . -9.30 8.81 8.28
O31 UNL O . -7.35 3.56 9.50
O32 UNL O . -7.20 4.79 7.23
O33 UNL O . -9.29 4.82 8.83
O34 UNL O . -5.76 5.40 9.20
O35 UNL O . -7.72 7.06 8.54
O41 UNL O . -9.57 10.31 11.82
O42 UNL O . -8.87 9.08 14.37
O43 UNL O . -10.69 8.16 13.03
O44 UNL O . -7.12 9.24 12.27
O45 UNL O . -8.83 6.73 13.24
O51 UNL O . -7.33 4.98 14.21
O52 UNL O . -6.40 4.18 11.86
O53 UNL O . -9.09 4.68 12.37
O54 UNL O . -6.20 6.74 12.63
O55 UNL O . -7.74 5.87 10.71
O61 UNL O . -8.31 12.52 10.82
O62 UNL O . -5.80 11.49 11.37
O63 UNL O . -7.61 11.49 13.10
W1 UNL O . -9.61 9.87 9.59
W2 UNL O . -8.36 7.98 7.34
W3 UNL O . -7.44 5.25 9.01
W4 UNL O . -8.89 8.48 12.68
W5 UNL O . -7.54 5.57 12.44
W6 UNL O . -7.64 10.84 11.41
P PO4 P . -4.88 16.10 -23.67
O1 PO4 P . -4.72 17.10 -24.79
O2 PO4 P . -6.15 15.30 -23.90
O3 PO4 P . -3.71 15.15 -23.64
O4 PO4 P . -4.94 16.82 -22.36
P PO4 Q . -16.12 25.51 -17.65
O1 PO4 Q . -15.85 26.81 -18.37
O2 PO4 Q . -16.04 24.36 -18.63
O3 PO4 Q . -17.50 25.55 -17.03
O4 PO4 Q . -15.09 25.32 -16.57
P PO4 R . 0.74 20.83 -25.52
O1 PO4 R . 0.46 22.25 -25.95
O2 PO4 R . 2.09 20.41 -26.04
O3 PO4 R . -0.30 19.90 -26.08
O4 PO4 R . 0.68 20.76 -24.00
#